data_3NQO
#
_entry.id   3NQO
#
_cell.length_a   69.739
_cell.length_b   72.672
_cell.length_c   76.072
_cell.angle_alpha   90.000
_cell.angle_beta   90.000
_cell.angle_gamma   90.000
#
_symmetry.space_group_name_H-M   'P 21 21 21'
#
loop_
_entity.id
_entity.type
_entity.pdbx_description
1 polymer 'MarR-family transcriptional regulator'
2 non-polymer GLYCEROL
3 non-polymer 'TETRAETHYLENE GLYCOL'
4 non-polymer 'SODIUM ION'
5 water water
#
_entity_poly.entity_id   1
_entity_poly.type   'polypeptide(L)'
_entity_poly.pdbx_seq_one_letter_code
;G(MSE)DYSNELKELFL(MSE)NQTYATLFTLTNKIQIEGDKYFGILTSRQY(MSE)TILSILHLPEEETTLNNIARK
(MSE)GTSKQNINRLVANLEKNGYVDVIPSPHDKRAINVKVTDLGKKV(MSE)VTCSRTGINF(MSE)ADVFHEFTKDEL
ETLWSLLKK(MSE)YRFNGEEQDGFEEDANF(MSE)EYEEIDKIKSEALEEFAKRRNRVNKND
;
_entity_poly.pdbx_strand_id   A,B
#
# COMPACT_ATOMS: atom_id res chain seq x y z
N ASP A 3 -17.71 24.03 -16.33
CA ASP A 3 -17.87 24.93 -15.15
C ASP A 3 -17.15 24.32 -13.92
N TYR A 4 -17.42 23.03 -13.65
CA TYR A 4 -16.58 22.25 -12.79
C TYR A 4 -15.91 21.15 -13.58
N SER A 5 -15.76 21.34 -14.90
CA SER A 5 -15.14 20.31 -15.73
C SER A 5 -13.69 20.03 -15.25
N ASN A 6 -12.91 21.10 -15.05
CA ASN A 6 -11.54 21.00 -14.50
CA ASN A 6 -11.54 20.96 -14.53
C ASN A 6 -11.47 20.26 -13.16
N GLU A 7 -12.41 20.55 -12.27
CA GLU A 7 -12.47 19.90 -10.96
C GLU A 7 -12.79 18.43 -11.09
N LEU A 8 -13.75 18.10 -11.95
CA LEU A 8 -14.08 16.70 -12.25
C LEU A 8 -12.89 15.96 -12.81
N LYS A 9 -12.14 16.61 -13.71
CA LYS A 9 -10.98 16.00 -14.29
C LYS A 9 -9.92 15.69 -13.24
N GLU A 10 -9.66 16.65 -12.36
CA GLU A 10 -8.68 16.50 -11.31
C GLU A 10 -9.11 15.43 -10.32
N LEU A 11 -10.40 15.43 -9.95
CA LEU A 11 -10.95 14.39 -9.05
C LEU A 11 -10.78 13.02 -9.64
N PHE A 12 -11.15 12.86 -10.93
CA PHE A 12 -11.04 11.56 -11.61
C PHE A 12 -9.62 11.03 -11.58
N LEU A 13 -8.67 11.91 -11.83
CA LEU A 13 -7.28 11.55 -11.91
C LEU A 13 -6.75 11.17 -10.51
N ASN A 15 -8.70 9.97 -8.06
CA ASN A 15 -9.35 8.66 -7.83
C ASN A 15 -8.58 7.50 -8.45
N GLN A 16 -8.16 7.66 -9.70
CA GLN A 16 -7.40 6.59 -10.36
C GLN A 16 -6.02 6.35 -9.71
N THR A 17 -5.35 7.43 -9.29
CA THR A 17 -4.02 7.32 -8.68
C THR A 17 -4.12 6.59 -7.35
N TYR A 18 -5.09 6.98 -6.55
CA TYR A 18 -5.39 6.30 -5.30
C TYR A 18 -5.78 4.84 -5.54
N ALA A 19 -6.72 4.58 -6.44
CA ALA A 19 -7.05 3.20 -6.79
C ALA A 19 -5.80 2.36 -7.14
N THR A 20 -4.94 2.92 -8.00
CA THR A 20 -3.77 2.19 -8.50
C THR A 20 -2.76 1.95 -7.40
N LEU A 21 -2.60 2.92 -6.50
CA LEU A 21 -1.73 2.77 -5.34
C LEU A 21 -2.15 1.59 -4.47
N PHE A 22 -3.45 1.52 -4.20
CA PHE A 22 -4.06 0.50 -3.34
CA PHE A 22 -3.92 0.47 -3.30
C PHE A 22 -3.93 -0.91 -3.94
N THR A 23 -4.31 -1.05 -5.20
CA THR A 23 -4.25 -2.37 -5.84
C THR A 23 -2.77 -2.80 -6.10
N LEU A 24 -1.90 -1.82 -6.35
CA LEU A 24 -0.47 -2.10 -6.49
C LEU A 24 0.12 -2.66 -5.21
N THR A 25 -0.19 -2.05 -4.08
CA THR A 25 0.43 -2.50 -2.84
C THR A 25 -0.16 -3.83 -2.39
N ASN A 26 -1.43 -4.06 -2.69
CA ASN A 26 -2.02 -5.44 -2.59
C ASN A 26 -1.25 -6.51 -3.37
N LYS A 27 -0.86 -6.20 -4.61
CA LYS A 27 -0.14 -7.15 -5.47
C LYS A 27 1.29 -7.34 -4.98
N ILE A 28 1.93 -6.25 -4.60
CA ILE A 28 3.32 -6.27 -4.12
C ILE A 28 3.43 -7.02 -2.82
N GLN A 29 2.44 -6.88 -1.95
CA GLN A 29 2.36 -7.69 -0.74
C GLN A 29 2.26 -9.18 -1.06
N ILE A 30 1.31 -9.59 -1.90
CA ILE A 30 1.18 -11.01 -2.25
C ILE A 30 2.45 -11.53 -2.91
N GLU A 31 3.01 -10.75 -3.83
CA GLU A 31 4.23 -11.16 -4.50
C GLU A 31 5.45 -11.24 -3.58
N GLY A 32 5.55 -10.29 -2.67
CA GLY A 32 6.59 -10.30 -1.67
C GLY A 32 6.50 -11.44 -0.74
N ASP A 33 5.28 -11.75 -0.28
CA ASP A 33 5.04 -13.00 0.49
C ASP A 33 5.58 -14.25 -0.22
N LYS A 34 5.31 -14.40 -1.53
CA LYS A 34 5.82 -15.55 -2.31
C LYS A 34 7.36 -15.57 -2.42
N TYR A 35 7.98 -14.42 -2.65
CA TYR A 35 9.42 -14.35 -2.73
C TYR A 35 10.05 -14.75 -1.40
N PHE A 36 9.67 -14.07 -0.32
CA PHE A 36 10.28 -14.35 1.01
C PHE A 36 10.03 -15.76 1.51
N GLY A 37 8.81 -16.23 1.38
CA GLY A 37 8.46 -17.62 1.61
C GLY A 37 8.27 -17.99 3.07
N ILE A 38 9.26 -17.66 3.90
CA ILE A 38 9.27 -18.08 5.31
C ILE A 38 8.87 -16.93 6.27
N LEU A 39 8.73 -15.71 5.73
CA LEU A 39 7.99 -14.63 6.39
C LEU A 39 7.03 -14.01 5.39
N THR A 40 6.04 -13.31 5.91
CA THR A 40 5.24 -12.43 5.04
C THR A 40 6.00 -11.13 4.92
N SER A 41 5.58 -10.28 3.98
CA SER A 41 6.15 -8.94 3.84
C SER A 41 5.97 -8.05 5.08
N ARG A 42 4.76 -8.07 5.64
CA ARG A 42 4.48 -7.30 6.85
C ARG A 42 5.42 -7.72 8.01
N GLN A 43 5.61 -9.03 8.17
CA GLN A 43 6.47 -9.54 9.24
C GLN A 43 7.88 -9.03 9.03
N TYR A 44 8.36 -9.18 7.81
CA TYR A 44 9.67 -8.73 7.39
C TYR A 44 9.91 -7.24 7.69
N THR A 46 8.19 -5.17 9.76
CA THR A 46 8.09 -4.94 11.18
C THR A 46 9.42 -5.25 11.86
N ILE A 47 10.01 -6.40 11.53
CA ILE A 47 11.30 -6.77 12.12
C ILE A 47 12.40 -5.79 11.70
N LEU A 48 12.38 -5.37 10.43
CA LEU A 48 13.33 -4.36 9.96
C LEU A 48 13.16 -3.01 10.66
N SER A 49 11.92 -2.59 10.91
CA SER A 49 11.66 -1.35 11.67
C SER A 49 12.24 -1.40 13.08
N ILE A 50 12.05 -2.53 13.75
CA ILE A 50 12.64 -2.76 15.05
C ILE A 50 14.17 -2.64 15.02
N LEU A 51 14.81 -3.26 14.03
CA LEU A 51 16.27 -3.19 13.88
C LEU A 51 16.82 -1.80 13.49
N HIS A 52 15.98 -0.89 12.98
CA HIS A 52 16.44 0.50 12.71
C HIS A 52 16.29 1.45 13.90
N LEU A 53 15.57 1.03 14.93
CA LEU A 53 15.44 1.79 16.17
C LEU A 53 16.54 1.36 17.16
N PRO A 54 17.00 2.29 18.03
CA PRO A 54 17.83 1.87 19.18
C PRO A 54 17.04 0.95 20.10
N GLU A 55 17.70 -0.03 20.69
CA GLU A 55 17.05 -1.04 21.57
C GLU A 55 16.08 -0.43 22.60
N GLU A 56 16.49 0.65 23.27
CA GLU A 56 15.67 1.26 24.33
C GLU A 56 14.42 1.99 23.82
N GLU A 57 14.41 2.37 22.55
CA GLU A 57 13.31 3.10 21.94
C GLU A 57 12.49 2.21 20.95
N THR A 58 12.39 0.91 21.25
CA THR A 58 11.54 -0.01 20.47
C THR A 58 10.14 -0.16 21.12
N THR A 59 9.51 0.97 21.41
CA THR A 59 8.16 1.01 21.94
C THR A 59 7.16 0.73 20.82
N LEU A 60 5.94 0.31 21.16
CA LEU A 60 4.86 0.19 20.17
C LEU A 60 4.67 1.47 19.36
N ASN A 61 4.64 2.60 20.06
CA ASN A 61 4.46 3.92 19.47
C ASN A 61 5.55 4.29 18.47
N ASN A 62 6.82 4.11 18.84
CA ASN A 62 7.93 4.36 17.90
C ASN A 62 7.94 3.45 16.71
N ILE A 63 7.63 2.17 16.91
CA ILE A 63 7.58 1.21 15.80
C ILE A 63 6.40 1.57 14.86
N ALA A 64 5.22 1.85 15.43
CA ALA A 64 4.05 2.35 14.65
C ALA A 64 4.41 3.50 13.72
N ARG A 65 5.08 4.51 14.30
CA ARG A 65 5.54 5.73 13.60
C ARG A 65 6.48 5.39 12.45
N LYS A 66 7.43 4.49 12.70
CA LYS A 66 8.31 4.02 11.62
C LYS A 66 7.55 3.29 10.48
N GLY A 68 4.32 3.70 9.78
CA GLY A 68 3.20 4.51 9.30
C GLY A 68 1.81 3.94 9.61
N THR A 69 1.69 3.23 10.73
CA THR A 69 0.44 2.58 11.09
C THR A 69 0.14 2.88 12.55
N SER A 70 -0.86 2.17 13.11
CA SER A 70 -1.34 2.40 14.46
C SER A 70 -0.68 1.49 15.49
N LYS A 71 -0.67 1.93 16.76
CA LYS A 71 -0.27 1.10 17.91
C LYS A 71 -0.97 -0.25 17.94
N GLN A 72 -2.28 -0.26 17.68
CA GLN A 72 -3.08 -1.51 17.73
C GLN A 72 -2.62 -2.52 16.68
N ASN A 73 -2.34 -2.05 15.48
CA ASN A 73 -1.79 -2.93 14.41
C ASN A 73 -0.41 -3.48 14.75
N ILE A 74 0.47 -2.66 15.33
CA ILE A 74 1.79 -3.11 15.78
C ILE A 74 1.69 -4.11 16.94
N ASN A 75 0.76 -3.88 17.88
CA ASN A 75 0.55 -4.84 18.98
C ASN A 75 0.22 -6.26 18.46
N ARG A 76 -0.65 -6.37 17.46
CA ARG A 76 -1.00 -7.68 16.87
C ARG A 76 0.19 -8.29 16.10
N LEU A 77 0.88 -7.47 15.30
CA LEU A 77 2.08 -7.94 14.60
C LEU A 77 3.13 -8.44 15.58
N VAL A 78 3.44 -7.64 16.60
CA VAL A 78 4.44 -8.02 17.61
C VAL A 78 4.02 -9.28 18.42
N ALA A 79 2.71 -9.47 18.64
CA ALA A 79 2.22 -10.68 19.31
C ALA A 79 2.39 -11.92 18.43
N ASN A 80 2.11 -11.76 17.14
CA ASN A 80 2.36 -12.82 16.14
C ASN A 80 3.88 -13.18 16.00
N LEU A 81 4.76 -12.18 16.03
CA LEU A 81 6.21 -12.44 16.00
C LEU A 81 6.71 -13.15 17.26
N GLU A 82 6.08 -12.89 18.41
CA GLU A 82 6.52 -13.46 19.68
C GLU A 82 6.16 -14.94 19.75
N LYS A 83 4.91 -15.25 19.40
CA LYS A 83 4.43 -16.64 19.27
C LYS A 83 5.31 -17.48 18.34
N ASN A 84 5.71 -16.90 17.19
CA ASN A 84 6.65 -17.56 16.27
C ASN A 84 8.11 -17.71 16.79
N GLY A 85 8.47 -17.05 17.89
CA GLY A 85 9.84 -17.07 18.42
C GLY A 85 10.82 -16.06 17.78
N TYR A 86 10.30 -15.12 16.98
CA TYR A 86 11.16 -14.15 16.28
C TYR A 86 11.56 -12.94 17.13
N VAL A 87 10.75 -12.62 18.14
CA VAL A 87 11.07 -11.50 19.05
C VAL A 87 10.78 -11.87 20.50
N ASP A 88 11.54 -11.27 21.42
CA ASP A 88 11.20 -11.26 22.85
C ASP A 88 10.64 -9.89 23.23
N VAL A 89 9.60 -9.88 24.08
CA VAL A 89 8.99 -8.64 24.58
C VAL A 89 9.24 -8.51 26.07
N ILE A 90 9.80 -7.36 26.47
CA ILE A 90 10.24 -7.13 27.84
C ILE A 90 9.80 -5.72 28.24
N PRO A 91 9.76 -5.43 29.57
CA PRO A 91 9.39 -4.05 29.99
C PRO A 91 10.36 -2.98 29.48
N SER A 92 9.82 -1.80 29.15
CA SER A 92 10.66 -0.63 28.86
C SER A 92 11.28 -0.13 30.17
N PRO A 93 12.60 0.14 30.18
CA PRO A 93 13.25 0.67 31.39
C PRO A 93 12.94 2.16 31.71
N HIS A 94 12.41 2.92 30.73
CA HIS A 94 12.20 4.37 30.85
C HIS A 94 10.73 4.78 31.17
N ASP A 95 9.79 3.87 30.91
CA ASP A 95 8.35 4.11 31.13
C ASP A 95 7.70 2.75 31.47
N LYS A 96 7.08 2.66 32.64
CA LYS A 96 6.47 1.40 33.12
C LYS A 96 5.33 0.86 32.21
N ARG A 97 4.61 1.77 31.55
CA ARG A 97 3.55 1.41 30.60
C ARG A 97 4.08 0.82 29.26
N ALA A 98 5.21 1.37 28.77
CA ALA A 98 5.77 0.99 27.46
C ALA A 98 6.53 -0.36 27.47
N ILE A 99 6.73 -0.95 26.29
CA ILE A 99 7.56 -2.16 26.11
C ILE A 99 8.84 -1.84 25.32
N ASN A 100 9.79 -2.76 25.35
CA ASN A 100 10.85 -2.85 24.33
C ASN A 100 10.72 -4.20 23.64
N VAL A 101 11.25 -4.28 22.42
CA VAL A 101 11.19 -5.49 21.61
C VAL A 101 12.61 -5.82 21.12
N LYS A 102 13.09 -7.01 21.48
CA LYS A 102 14.41 -7.51 21.06
C LYS A 102 14.25 -8.64 20.02
N VAL A 103 15.04 -8.57 18.93
CA VAL A 103 15.03 -9.61 17.90
C VAL A 103 15.89 -10.77 18.38
N THR A 104 15.35 -11.99 18.31
CA THR A 104 16.03 -13.16 18.83
C THR A 104 17.04 -13.62 17.80
N ASP A 105 17.89 -14.55 18.21
CA ASP A 105 18.83 -15.16 17.26
C ASP A 105 18.08 -15.88 16.11
N LEU A 106 16.95 -16.54 16.41
CA LEU A 106 16.12 -17.17 15.37
C LEU A 106 15.48 -16.12 14.44
N GLY A 107 15.15 -14.96 15.00
CA GLY A 107 14.64 -13.84 14.21
C GLY A 107 15.69 -13.24 13.28
N LYS A 108 16.90 -13.06 13.79
CA LYS A 108 18.03 -12.62 12.97
C LYS A 108 18.40 -13.59 11.81
N LYS A 109 18.34 -14.89 12.09
CA LYS A 109 18.72 -15.90 11.09
C LYS A 109 17.71 -15.87 9.94
N VAL A 110 16.42 -15.91 10.28
CA VAL A 110 15.37 -15.79 9.29
C VAL A 110 15.49 -14.48 8.44
N VAL A 112 18.36 -12.75 7.78
CA VAL A 112 19.47 -12.94 6.85
C VAL A 112 19.01 -13.70 5.58
N THR A 113 18.24 -14.77 5.77
CA THR A 113 17.69 -15.53 4.61
C THR A 113 16.74 -14.65 3.77
N CYS A 114 15.82 -13.97 4.43
CA CYS A 114 14.86 -13.13 3.71
C CYS A 114 15.50 -11.89 3.02
N SER A 115 16.51 -11.29 3.64
CA SER A 115 17.23 -10.17 3.02
C SER A 115 17.89 -10.55 1.72
N ARG A 116 18.45 -11.76 1.66
CA ARG A 116 19.09 -12.24 0.43
C ARG A 116 18.04 -12.37 -0.66
N THR A 117 16.94 -13.03 -0.37
CA THR A 117 15.80 -13.08 -1.28
C THR A 117 15.28 -11.68 -1.61
N GLY A 118 15.24 -10.81 -0.62
CA GLY A 118 14.89 -9.40 -0.78
C GLY A 118 15.59 -8.66 -1.92
N ILE A 119 16.89 -8.89 -2.06
CA ILE A 119 17.69 -8.26 -3.11
C ILE A 119 17.18 -8.69 -4.53
N ASN A 120 16.80 -9.96 -4.68
CA ASN A 120 16.30 -10.47 -5.95
C ASN A 120 14.91 -9.94 -6.26
N PHE A 121 14.10 -9.79 -5.22
CA PHE A 121 12.78 -9.17 -5.34
C PHE A 121 12.87 -7.72 -5.83
N ALA A 123 15.37 -6.31 -7.58
CA ALA A 123 15.80 -6.42 -8.98
C ALA A 123 14.62 -6.64 -9.94
N ASP A 124 13.74 -7.58 -9.58
CA ASP A 124 12.62 -7.95 -10.43
C ASP A 124 11.56 -6.85 -10.43
N VAL A 125 11.21 -6.31 -9.26
CA VAL A 125 10.14 -5.32 -9.18
C VAL A 125 10.47 -4.04 -9.96
N PHE A 126 11.73 -3.67 -9.95
CA PHE A 126 12.14 -2.43 -10.55
C PHE A 126 12.90 -2.55 -11.87
N HIS A 127 12.93 -3.73 -12.49
CA HIS A 127 13.80 -3.96 -13.67
C HIS A 127 13.52 -3.02 -14.85
N GLU A 128 12.26 -2.55 -15.00
CA GLU A 128 11.92 -1.62 -16.07
C GLU A 128 12.27 -0.15 -15.74
N PHE A 129 12.63 0.14 -14.49
CA PHE A 129 12.85 1.53 -14.05
C PHE A 129 14.26 1.94 -14.29
N THR A 130 14.46 3.13 -14.83
CA THR A 130 15.76 3.78 -14.78
C THR A 130 15.96 4.36 -13.37
N LYS A 131 17.21 4.67 -13.03
CA LYS A 131 17.52 5.32 -11.74
C LYS A 131 16.70 6.64 -11.57
N ASP A 132 16.52 7.37 -12.66
CA ASP A 132 15.79 8.60 -12.65
C ASP A 132 14.29 8.47 -12.35
N GLU A 133 13.69 7.44 -12.91
CA GLU A 133 12.31 7.10 -12.60
C GLU A 133 12.13 6.74 -11.16
N LEU A 134 13.07 5.97 -10.61
CA LEU A 134 13.06 5.63 -9.19
C LEU A 134 13.15 6.85 -8.30
N GLU A 135 14.07 7.77 -8.62
CA GLU A 135 14.19 9.01 -7.84
C GLU A 135 12.89 9.82 -7.89
N THR A 136 12.23 9.82 -9.06
CA THR A 136 11.00 10.55 -9.25
C THR A 136 9.90 9.88 -8.45
N LEU A 137 9.78 8.55 -8.55
CA LEU A 137 8.73 7.86 -7.84
C LEU A 137 8.89 8.04 -6.33
N TRP A 138 10.09 7.78 -5.81
CA TRP A 138 10.38 7.96 -4.40
C TRP A 138 9.96 9.36 -3.89
N SER A 139 10.37 10.39 -4.63
CA SER A 139 10.09 11.75 -4.30
C SER A 139 8.58 12.03 -4.22
N LEU A 140 7.82 11.50 -5.20
CA LEU A 140 6.38 11.72 -5.25
C LEU A 140 5.67 10.92 -4.11
N LEU A 141 6.20 9.78 -3.76
CA LEU A 141 5.66 9.02 -2.62
C LEU A 141 5.89 9.76 -1.28
N LYS A 142 7.06 10.39 -1.12
CA LYS A 142 7.37 11.18 0.07
C LYS A 142 6.45 12.40 0.15
N LYS A 143 6.17 13.00 -1.01
CA LYS A 143 5.27 14.14 -1.04
C LYS A 143 3.85 13.75 -0.59
N TYR A 145 3.03 11.28 1.30
CA TYR A 145 3.16 10.96 2.70
C TYR A 145 2.89 12.16 3.63
N ARG A 146 3.44 13.31 3.27
CA ARG A 146 3.36 14.46 4.12
C ARG A 146 2.13 15.36 3.87
N PHE A 147 1.07 14.85 3.18
CA PHE A 147 -0.17 15.65 2.92
C PHE A 147 -0.81 16.28 4.20
N ASN A 148 -0.68 15.62 5.34
CA ASN A 148 -1.19 16.16 6.61
C ASN A 148 -0.18 16.93 7.51
N GLY A 149 0.97 17.32 6.96
CA GLY A 149 2.02 18.05 7.74
C GLY A 149 3.08 17.19 8.47
N GLU A 150 2.89 15.88 8.50
CA GLU A 150 3.80 14.94 9.16
C GLU A 150 4.65 14.24 8.11
N GLU A 151 5.94 14.49 8.11
CA GLU A 151 6.85 13.86 7.14
C GLU A 151 7.21 12.45 7.55
N GLN A 152 7.68 11.70 6.56
CA GLN A 152 8.06 10.30 6.74
C GLN A 152 9.28 10.19 7.66
N ASP A 153 9.26 9.16 8.50
CA ASP A 153 10.38 8.82 9.37
C ASP A 153 10.97 7.55 8.77
N GLY A 154 11.89 7.74 7.82
CA GLY A 154 12.26 6.70 6.89
C GLY A 154 13.49 5.91 7.29
N PHE A 155 13.97 5.12 6.32
CA PHE A 155 15.07 4.17 6.50
C PHE A 155 16.33 4.67 5.75
N GLU A 156 16.49 5.99 5.69
CA GLU A 156 17.51 6.63 4.85
C GLU A 156 18.87 6.71 5.52
N GLU A 157 18.90 6.50 6.84
CA GLU A 157 20.16 6.24 7.57
C GLU A 157 20.90 4.94 7.15
N ASP A 158 20.26 4.08 6.32
CA ASP A 158 20.96 2.99 5.61
C ASP A 158 22.16 3.43 4.72
N ALA A 159 22.13 4.67 4.21
CA ALA A 159 23.20 5.18 3.33
C ALA A 159 24.52 5.41 4.08
N ASN A 160 24.48 6.27 5.09
CA ASN A 160 25.70 6.76 5.76
C ASN A 160 26.33 5.74 6.70
N GLU A 166 32.01 -2.95 4.01
CA GLU A 166 32.87 -4.06 3.61
C GLU A 166 32.11 -4.95 2.61
N ILE A 167 32.55 -4.93 1.35
CA ILE A 167 32.01 -5.82 0.30
C ILE A 167 32.94 -7.02 0.16
N ASP A 168 32.64 -8.08 0.91
CA ASP A 168 33.33 -9.37 0.78
C ASP A 168 32.78 -10.18 -0.42
N LYS A 169 33.28 -11.41 -0.61
CA LYS A 169 32.90 -12.26 -1.72
C LYS A 169 31.39 -12.56 -1.74
N ILE A 170 30.83 -13.04 -0.62
CA ILE A 170 29.37 -13.31 -0.52
C ILE A 170 28.52 -12.11 -0.96
N LYS A 171 28.81 -10.93 -0.43
CA LYS A 171 28.10 -9.71 -0.86
C LYS A 171 28.35 -9.41 -2.33
N SER A 172 29.59 -9.62 -2.81
CA SER A 172 29.88 -9.37 -4.24
C SER A 172 29.03 -10.28 -5.17
N GLU A 173 28.82 -11.54 -4.76
CA GLU A 173 28.00 -12.50 -5.51
CA GLU A 173 28.01 -12.47 -5.54
C GLU A 173 26.53 -12.08 -5.51
N ALA A 174 26.02 -11.66 -4.34
CA ALA A 174 24.65 -11.10 -4.27
C ALA A 174 24.52 -9.89 -5.20
N LEU A 175 25.51 -9.01 -5.23
CA LEU A 175 25.41 -7.82 -6.09
C LEU A 175 25.55 -8.20 -7.57
N GLU A 176 26.36 -9.20 -7.88
CA GLU A 176 26.43 -9.68 -9.27
C GLU A 176 25.09 -10.30 -9.74
N GLU A 177 24.46 -11.14 -8.90
CA GLU A 177 23.19 -11.72 -9.27
C GLU A 177 22.13 -10.60 -9.47
N PHE A 178 22.12 -9.62 -8.55
CA PHE A 178 21.27 -8.44 -8.67
C PHE A 178 21.35 -7.74 -10.05
N ALA A 179 22.56 -7.47 -10.49
CA ALA A 179 22.77 -6.73 -11.74
C ALA A 179 22.29 -7.54 -12.93
N LYS A 180 22.51 -8.85 -12.91
CA LYS A 180 22.04 -9.71 -13.99
C LYS A 180 20.52 -9.87 -14.02
N ARG A 181 19.89 -10.00 -12.85
CA ARG A 181 18.42 -10.06 -12.79
C ARG A 181 17.81 -8.79 -13.29
N ARG A 182 18.23 -7.68 -12.71
CA ARG A 182 17.77 -6.34 -13.12
C ARG A 182 17.87 -6.05 -14.64
N ASN A 183 18.98 -6.47 -15.24
CA ASN A 183 19.20 -6.25 -16.66
C ASN A 183 18.66 -7.37 -17.59
N ARG A 184 17.95 -8.35 -17.01
CA ARG A 184 17.14 -9.32 -17.78
C ARG A 184 17.96 -10.08 -18.85
N VAL A 185 19.08 -10.65 -18.41
CA VAL A 185 19.99 -11.44 -19.26
C VAL A 185 19.39 -12.81 -19.68
N ASN A 186 18.33 -13.25 -18.98
CA ASN A 186 17.42 -14.32 -19.48
C ASN A 186 16.12 -13.79 -20.20
N LYS A 187 15.27 -14.72 -20.65
CA LYS A 187 14.45 -14.56 -21.88
C LYS A 187 15.34 -14.82 -23.11
N ASN A 188 16.33 -15.69 -22.92
CA ASN A 188 17.46 -15.88 -23.84
C ASN A 188 17.06 -16.96 -24.85
N ASP A 189 16.88 -18.20 -24.37
CA ASP A 189 16.21 -19.32 -25.11
C ASP A 189 16.28 -20.61 -24.29
N TYR B 4 31.40 -1.99 -7.31
CA TYR B 4 29.94 -2.27 -7.17
C TYR B 4 29.16 -1.10 -6.65
N SER B 5 29.72 0.10 -6.74
CA SER B 5 29.05 1.26 -6.16
C SER B 5 27.73 1.60 -6.90
N ASN B 6 27.71 1.47 -8.22
CA ASN B 6 26.46 1.67 -8.99
C ASN B 6 25.34 0.73 -8.53
N GLU B 7 25.67 -0.54 -8.36
CA GLU B 7 24.77 -1.55 -7.88
C GLU B 7 24.26 -1.24 -6.47
N LEU B 8 25.18 -0.87 -5.56
CA LEU B 8 24.79 -0.47 -4.20
C LEU B 8 23.86 0.71 -4.19
N LYS B 9 24.15 1.71 -5.00
CA LYS B 9 23.28 2.90 -5.07
C LYS B 9 21.92 2.60 -5.71
N GLU B 10 21.86 1.72 -6.71
CA GLU B 10 20.56 1.29 -7.25
C GLU B 10 19.77 0.50 -6.19
N LEU B 11 20.42 -0.42 -5.50
CA LEU B 11 19.76 -1.24 -4.47
C LEU B 11 19.21 -0.37 -3.34
N PHE B 12 20.03 0.56 -2.84
CA PHE B 12 19.60 1.51 -1.81
C PHE B 12 18.33 2.26 -2.23
N LEU B 13 18.37 2.79 -3.43
CA LEU B 13 17.25 3.53 -3.96
C LEU B 13 16.01 2.65 -4.09
N ASN B 15 15.41 -0.14 -2.27
CA ASN B 15 14.98 -0.41 -0.88
C ASN B 15 14.14 0.72 -0.30
N GLN B 16 14.59 1.97 -0.51
CA GLN B 16 13.96 3.15 0.07
C GLN B 16 12.59 3.41 -0.60
N THR B 17 12.52 3.21 -1.91
CA THR B 17 11.26 3.38 -2.66
C THR B 17 10.24 2.33 -2.21
N TYR B 18 10.69 1.09 -2.02
CA TYR B 18 9.84 0.03 -1.51
C TYR B 18 9.34 0.32 -0.10
N ALA B 19 10.25 0.61 0.82
CA ALA B 19 9.89 0.97 2.18
C ALA B 19 8.92 2.14 2.22
N THR B 20 9.13 3.13 1.37
CA THR B 20 8.23 4.28 1.34
C THR B 20 6.83 3.95 0.78
N LEU B 21 6.76 3.15 -0.28
CA LEU B 21 5.47 2.64 -0.76
C LEU B 21 4.69 1.95 0.35
N PHE B 22 5.39 1.10 1.11
CA PHE B 22 4.77 0.27 2.12
C PHE B 22 4.22 1.12 3.31
N THR B 23 5.06 2.01 3.87
CA THR B 23 4.66 2.85 4.98
C THR B 23 3.64 3.93 4.54
N LEU B 24 3.75 4.42 3.30
CA LEU B 24 2.75 5.35 2.74
C LEU B 24 1.37 4.71 2.68
N THR B 25 1.27 3.50 2.15
CA THR B 25 -0.02 2.81 2.06
C THR B 25 -0.62 2.48 3.44
N ASN B 26 0.24 2.16 4.40
CA ASN B 26 -0.17 2.07 5.78
C ASN B 26 -0.80 3.37 6.32
N LYS B 27 -0.13 4.49 6.10
CA LYS B 27 -0.61 5.77 6.58
C LYS B 27 -1.91 6.17 5.87
N ILE B 28 -1.94 6.01 4.54
CA ILE B 28 -3.11 6.37 3.73
C ILE B 28 -4.33 5.50 4.10
N GLN B 29 -4.10 4.22 4.40
CA GLN B 29 -5.14 3.34 4.92
C GLN B 29 -5.72 3.85 6.24
N ILE B 30 -4.86 4.15 7.20
CA ILE B 30 -5.28 4.65 8.52
C ILE B 30 -6.00 5.96 8.40
N GLU B 31 -5.41 6.90 7.64
CA GLU B 31 -6.04 8.18 7.40
C GLU B 31 -7.39 8.03 6.70
N GLY B 32 -7.45 7.20 5.67
CA GLY B 32 -8.71 6.97 4.96
C GLY B 32 -9.80 6.39 5.86
N ASP B 33 -9.42 5.47 6.75
CA ASP B 33 -10.37 4.94 7.73
C ASP B 33 -10.96 6.07 8.62
N LYS B 34 -10.11 7.04 9.04
CA LYS B 34 -10.60 8.17 9.86
C LYS B 34 -11.53 9.10 9.08
N TYR B 35 -11.21 9.36 7.81
CA TYR B 35 -12.08 10.19 6.98
C TYR B 35 -13.42 9.49 6.82
N PHE B 36 -13.39 8.27 6.23
CA PHE B 36 -14.63 7.52 5.95
C PHE B 36 -15.46 7.31 7.19
N GLY B 37 -14.83 6.95 8.29
CA GLY B 37 -15.54 6.86 9.58
C GLY B 37 -16.38 5.62 9.73
N ILE B 38 -17.30 5.35 8.79
CA ILE B 38 -18.30 4.27 8.93
C ILE B 38 -17.97 3.00 8.13
N LEU B 39 -17.01 3.11 7.22
CA LEU B 39 -16.41 1.95 6.56
C LEU B 39 -14.90 2.07 6.68
N THR B 40 -14.17 0.94 6.61
CA THR B 40 -12.73 0.98 6.39
C THR B 40 -12.47 1.26 4.91
N SER B 41 -11.29 1.77 4.60
CA SER B 41 -10.82 1.92 3.19
C SER B 41 -10.93 0.62 2.39
N ARG B 42 -10.64 -0.51 3.03
CA ARG B 42 -10.70 -1.82 2.34
C ARG B 42 -12.12 -2.24 2.03
N GLN B 43 -13.03 -2.01 2.98
CA GLN B 43 -14.46 -2.25 2.74
C GLN B 43 -14.93 -1.36 1.60
N TYR B 44 -14.57 -0.09 1.64
CA TYR B 44 -14.99 0.89 0.61
C TYR B 44 -14.58 0.47 -0.80
N THR B 46 -13.56 -2.54 -1.85
CA THR B 46 -14.23 -3.77 -2.23
C THR B 46 -15.68 -3.52 -2.76
N ILE B 47 -16.46 -2.66 -2.11
CA ILE B 47 -17.83 -2.38 -2.57
C ILE B 47 -17.78 -1.64 -3.90
N LEU B 48 -16.87 -0.69 -4.00
CA LEU B 48 -16.69 0.05 -5.26
C LEU B 48 -16.31 -0.92 -6.41
N SER B 49 -15.36 -1.82 -6.15
CA SER B 49 -14.99 -2.85 -7.14
C SER B 49 -16.18 -3.68 -7.62
N ILE B 50 -17.10 -4.00 -6.70
CA ILE B 50 -18.29 -4.77 -7.03
C ILE B 50 -19.27 -3.93 -7.87
N LEU B 51 -19.40 -2.65 -7.53
CA LEU B 51 -20.25 -1.73 -8.28
C LEU B 51 -19.72 -1.51 -9.70
N HIS B 52 -18.40 -1.63 -9.86
CA HIS B 52 -17.77 -1.53 -11.18
C HIS B 52 -17.80 -2.82 -12.04
N LEU B 53 -18.28 -3.93 -11.49
CA LEU B 53 -18.43 -5.18 -12.28
C LEU B 53 -19.89 -5.39 -12.71
N PRO B 54 -20.13 -6.03 -13.87
CA PRO B 54 -21.51 -6.49 -14.15
C PRO B 54 -21.95 -7.57 -13.13
N GLU B 55 -23.23 -7.53 -12.69
CA GLU B 55 -23.72 -8.44 -11.63
C GLU B 55 -23.27 -9.90 -11.85
N GLU B 56 -23.42 -10.36 -13.09
CA GLU B 56 -23.09 -11.74 -13.49
CA GLU B 56 -23.10 -11.77 -13.42
C GLU B 56 -21.61 -12.09 -13.32
N GLU B 57 -20.74 -11.06 -13.35
CA GLU B 57 -19.29 -11.23 -13.26
C GLU B 57 -18.70 -10.89 -11.88
N THR B 58 -19.54 -10.79 -10.85
CA THR B 58 -19.06 -10.43 -9.48
C THR B 58 -18.63 -11.69 -8.70
N THR B 59 -17.68 -12.42 -9.27
CA THR B 59 -17.17 -13.64 -8.67
C THR B 59 -16.02 -13.29 -7.76
N LEU B 60 -15.64 -14.22 -6.89
CA LEU B 60 -14.46 -14.01 -6.05
C LEU B 60 -13.22 -13.81 -6.89
N ASN B 61 -13.07 -14.59 -7.97
CA ASN B 61 -11.88 -14.46 -8.84
C ASN B 61 -11.79 -13.09 -9.52
N ASN B 62 -12.89 -12.65 -10.13
CA ASN B 62 -12.94 -11.33 -10.80
C ASN B 62 -12.78 -10.16 -9.85
N ILE B 63 -13.41 -10.25 -8.67
CA ILE B 63 -13.22 -9.22 -7.65
C ILE B 63 -11.75 -9.19 -7.18
N ALA B 64 -11.18 -10.38 -6.96
CA ALA B 64 -9.77 -10.49 -6.57
C ALA B 64 -8.82 -9.84 -7.59
N ARG B 65 -9.04 -10.11 -8.88
CA ARG B 65 -8.20 -9.52 -9.96
C ARG B 65 -8.29 -8.00 -10.02
N LYS B 66 -9.51 -7.46 -9.91
CA LYS B 66 -9.74 -6.01 -9.85
C LYS B 66 -9.02 -5.33 -8.66
N GLY B 68 -6.29 -6.52 -7.08
CA GLY B 68 -4.88 -6.91 -7.00
C GLY B 68 -4.52 -7.90 -5.89
N THR B 69 -5.48 -8.70 -5.41
CA THR B 69 -5.27 -9.54 -4.22
C THR B 69 -5.74 -10.99 -4.46
N SER B 70 -5.67 -11.83 -3.42
CA SER B 70 -6.05 -13.23 -3.51
C SER B 70 -7.54 -13.43 -3.30
N LYS B 71 -8.09 -14.46 -3.93
CA LYS B 71 -9.46 -14.94 -3.68
C LYS B 71 -9.80 -15.15 -2.20
N GLN B 72 -8.82 -15.62 -1.43
CA GLN B 72 -8.99 -15.89 -0.01
C GLN B 72 -9.26 -14.56 0.75
N ASN B 73 -8.48 -13.53 0.45
CA ASN B 73 -8.72 -12.22 1.09
C ASN B 73 -10.09 -11.61 0.75
N ILE B 74 -10.53 -11.79 -0.50
CA ILE B 74 -11.83 -11.24 -0.96
C ILE B 74 -12.98 -12.04 -0.35
N ASN B 75 -12.76 -13.33 -0.17
CA ASN B 75 -13.71 -14.17 0.52
C ASN B 75 -13.95 -13.71 1.96
N ARG B 76 -12.88 -13.40 2.70
CA ARG B 76 -13.02 -12.87 4.06
C ARG B 76 -13.72 -11.50 4.08
N LEU B 77 -13.25 -10.57 3.24
CA LEU B 77 -13.93 -9.26 3.08
C LEU B 77 -15.41 -9.37 2.70
N VAL B 78 -15.77 -10.26 1.76
CA VAL B 78 -17.17 -10.36 1.32
C VAL B 78 -18.09 -10.94 2.41
N ALA B 79 -17.60 -11.92 3.17
CA ALA B 79 -18.36 -12.47 4.30
C ALA B 79 -18.62 -11.39 5.38
N ASN B 80 -17.63 -10.53 5.61
CA ASN B 80 -17.76 -9.38 6.50
C ASN B 80 -18.81 -8.38 6.01
N LEU B 81 -18.77 -8.06 4.72
CA LEU B 81 -19.76 -7.14 4.13
C LEU B 81 -21.18 -7.70 4.22
N GLU B 82 -21.32 -9.00 3.99
CA GLU B 82 -22.64 -9.67 4.06
C GLU B 82 -23.23 -9.69 5.48
N LYS B 83 -22.41 -9.96 6.49
CA LYS B 83 -22.88 -10.01 7.87
C LYS B 83 -23.33 -8.63 8.39
N ASN B 84 -22.69 -7.56 7.90
CA ASN B 84 -23.12 -6.18 8.16
C ASN B 84 -24.35 -5.75 7.32
N GLY B 85 -24.79 -6.56 6.36
CA GLY B 85 -25.97 -6.26 5.54
C GLY B 85 -25.67 -5.30 4.38
N TYR B 86 -24.41 -5.23 3.97
CA TYR B 86 -23.99 -4.36 2.84
C TYR B 86 -24.03 -5.01 1.48
N VAL B 87 -23.93 -6.32 1.46
CA VAL B 87 -24.09 -7.08 0.23
C VAL B 87 -24.93 -8.32 0.47
N ASP B 88 -25.54 -8.81 -0.61
CA ASP B 88 -26.17 -10.11 -0.63
C ASP B 88 -25.35 -10.97 -1.58
N VAL B 89 -25.12 -12.23 -1.16
CA VAL B 89 -24.31 -13.17 -1.90
C VAL B 89 -25.24 -14.28 -2.39
N ILE B 90 -25.34 -14.44 -3.71
CA ILE B 90 -26.17 -15.48 -4.31
C ILE B 90 -25.26 -16.46 -5.08
N PRO B 91 -25.76 -17.66 -5.44
CA PRO B 91 -24.98 -18.48 -6.38
C PRO B 91 -24.91 -17.82 -7.76
N SER B 92 -23.78 -17.98 -8.44
CA SER B 92 -23.66 -17.52 -9.83
C SER B 92 -24.56 -18.35 -10.77
N PRO B 93 -25.25 -17.68 -11.72
CA PRO B 93 -26.09 -18.41 -12.68
C PRO B 93 -25.32 -19.13 -13.81
N HIS B 94 -24.06 -18.77 -14.04
CA HIS B 94 -23.23 -19.38 -15.09
C HIS B 94 -22.40 -20.59 -14.59
N ASP B 95 -21.94 -20.54 -13.33
CA ASP B 95 -21.01 -21.53 -12.77
C ASP B 95 -21.46 -21.85 -11.34
N LYS B 96 -21.65 -23.14 -11.05
CA LYS B 96 -22.14 -23.60 -9.74
C LYS B 96 -21.08 -23.50 -8.64
N ARG B 97 -19.79 -23.51 -9.01
CA ARG B 97 -18.70 -23.24 -8.04
C ARG B 97 -18.53 -21.75 -7.64
N ALA B 98 -19.10 -20.82 -8.41
CA ALA B 98 -18.86 -19.37 -8.19
C ALA B 98 -20.05 -18.67 -7.52
N ILE B 99 -19.80 -17.44 -7.08
CA ILE B 99 -20.82 -16.60 -6.46
C ILE B 99 -21.06 -15.35 -7.30
N ASN B 100 -22.15 -14.63 -7.02
CA ASN B 100 -22.31 -13.24 -7.41
C ASN B 100 -22.63 -12.44 -6.16
N VAL B 101 -22.24 -11.15 -6.17
CA VAL B 101 -22.44 -10.23 -5.06
C VAL B 101 -23.26 -9.01 -5.52
N LYS B 102 -24.40 -8.78 -4.88
CA LYS B 102 -25.20 -7.58 -5.10
C LYS B 102 -25.10 -6.65 -3.89
N VAL B 103 -24.97 -5.35 -4.15
CA VAL B 103 -24.94 -4.35 -3.08
C VAL B 103 -26.39 -4.03 -2.70
N THR B 104 -26.66 -4.05 -1.39
CA THR B 104 -27.98 -3.77 -0.87
C THR B 104 -28.23 -2.24 -0.79
N ASP B 105 -29.46 -1.86 -0.49
CA ASP B 105 -29.86 -0.49 -0.15
C ASP B 105 -29.03 0.13 0.99
N LEU B 106 -28.76 -0.64 2.04
CA LEU B 106 -27.89 -0.15 3.12
C LEU B 106 -26.49 0.09 2.62
N GLY B 107 -25.97 -0.85 1.83
CA GLY B 107 -24.67 -0.70 1.23
C GLY B 107 -24.56 0.56 0.39
N LYS B 108 -25.54 0.79 -0.47
CA LYS B 108 -25.55 1.98 -1.31
C LYS B 108 -25.63 3.27 -0.48
N LYS B 109 -26.44 3.25 0.58
CA LYS B 109 -26.59 4.40 1.50
C LYS B 109 -25.25 4.77 2.14
N VAL B 110 -24.59 3.77 2.70
CA VAL B 110 -23.28 3.99 3.30
C VAL B 110 -22.24 4.48 2.28
N VAL B 112 -22.88 6.30 -0.54
CA VAL B 112 -23.16 7.72 -0.82
C VAL B 112 -22.42 8.58 0.25
N THR B 113 -22.53 8.20 1.52
CA THR B 113 -21.93 9.00 2.58
C THR B 113 -20.40 8.96 2.46
N CYS B 114 -19.84 7.76 2.35
CA CYS B 114 -18.37 7.61 2.19
C CYS B 114 -17.76 8.24 0.92
N SER B 115 -18.51 8.24 -0.18
CA SER B 115 -18.05 8.91 -1.44
C SER B 115 -17.92 10.40 -1.29
N ARG B 116 -18.89 11.03 -0.61
CA ARG B 116 -18.79 12.45 -0.33
C ARG B 116 -17.52 12.79 0.47
N THR B 117 -17.32 12.09 1.58
CA THR B 117 -16.09 12.20 2.37
C THR B 117 -14.82 11.87 1.58
N GLY B 118 -14.93 10.88 0.70
CA GLY B 118 -13.88 10.52 -0.22
C GLY B 118 -13.41 11.67 -1.08
N ILE B 119 -14.32 12.55 -1.50
CA ILE B 119 -13.96 13.71 -2.27
C ILE B 119 -13.06 14.68 -1.46
N ASN B 120 -13.38 14.88 -0.18
CA ASN B 120 -12.54 15.71 0.70
C ASN B 120 -11.20 15.05 0.95
N PHE B 121 -11.19 13.74 1.05
CA PHE B 121 -9.96 13.00 1.27
C PHE B 121 -8.93 13.14 0.07
N ALA B 123 -8.91 15.64 -2.16
CA ALA B 123 -8.49 17.04 -2.08
C ALA B 123 -7.32 17.23 -1.13
N ASP B 124 -7.38 16.64 0.08
CA ASP B 124 -6.32 16.80 1.08
C ASP B 124 -5.06 16.02 0.73
N VAL B 125 -5.23 14.77 0.34
CA VAL B 125 -4.08 13.91 0.01
C VAL B 125 -3.20 14.45 -1.11
N PHE B 126 -3.82 15.06 -2.11
CA PHE B 126 -3.10 15.47 -3.32
C PHE B 126 -3.01 16.99 -3.45
N HIS B 127 -3.25 17.75 -2.37
CA HIS B 127 -3.27 19.23 -2.49
C HIS B 127 -1.94 19.83 -2.94
N GLU B 128 -0.81 19.17 -2.70
CA GLU B 128 0.49 19.70 -3.13
C GLU B 128 0.88 19.32 -4.58
N PHE B 129 0.14 18.40 -5.17
CA PHE B 129 0.45 17.85 -6.50
C PHE B 129 -0.15 18.72 -7.59
N THR B 130 0.65 19.03 -8.60
CA THR B 130 0.09 19.47 -9.86
C THR B 130 -0.53 18.27 -10.60
N LYS B 131 -1.34 18.58 -11.59
CA LYS B 131 -1.92 17.57 -12.48
C LYS B 131 -0.83 16.74 -13.18
N ASP B 132 0.24 17.40 -13.65
CA ASP B 132 1.43 16.77 -14.25
CA ASP B 132 1.31 16.66 -14.29
C ASP B 132 2.05 15.71 -13.33
N GLU B 133 2.25 16.09 -12.07
CA GLU B 133 2.85 15.17 -11.07
C GLU B 133 1.94 13.96 -10.74
N LEU B 134 0.64 14.16 -10.79
CA LEU B 134 -0.31 13.06 -10.59
C LEU B 134 -0.25 12.07 -11.72
N GLU B 135 -0.21 12.58 -12.94
CA GLU B 135 -0.08 11.72 -14.12
C GLU B 135 1.23 10.95 -14.08
N THR B 136 2.31 11.61 -13.67
CA THR B 136 3.59 10.94 -13.51
C THR B 136 3.47 9.84 -12.44
N LEU B 137 2.92 10.16 -11.29
CA LEU B 137 2.79 9.16 -10.21
C LEU B 137 1.98 7.94 -10.69
N TRP B 138 0.84 8.20 -11.28
CA TRP B 138 -0.06 7.17 -11.72
C TRP B 138 0.64 6.25 -12.74
N SER B 139 1.31 6.88 -13.70
CA SER B 139 2.08 6.18 -14.71
C SER B 139 3.19 5.27 -14.10
N LEU B 140 3.91 5.78 -13.10
CA LEU B 140 5.00 4.99 -12.51
C LEU B 140 4.46 3.84 -11.65
N LEU B 141 3.32 4.05 -11.01
CA LEU B 141 2.70 3.01 -10.22
C LEU B 141 2.14 1.89 -11.15
N LYS B 142 1.52 2.27 -12.27
CA LYS B 142 1.13 1.29 -13.32
C LYS B 142 2.34 0.46 -13.87
N LYS B 143 3.49 1.12 -14.06
CA LYS B 143 4.70 0.42 -14.55
C LYS B 143 5.17 -0.60 -13.51
N TYR B 145 3.32 -2.09 -11.38
CA TYR B 145 2.29 -3.13 -11.30
C TYR B 145 2.60 -4.34 -12.19
N ARG B 146 3.10 -4.06 -13.39
CA ARG B 146 3.35 -5.08 -14.39
C ARG B 146 4.78 -5.66 -14.38
N PHE B 147 5.50 -5.55 -13.26
CA PHE B 147 6.87 -6.10 -13.17
C PHE B 147 6.99 -7.58 -13.51
N ASN B 148 5.92 -8.35 -13.29
CA ASN B 148 5.86 -9.76 -13.58
C ASN B 148 5.13 -10.13 -14.88
N GLY B 149 4.78 -9.16 -15.73
CA GLY B 149 4.12 -9.44 -17.02
C GLY B 149 2.60 -9.30 -17.04
N GLU B 150 1.97 -9.13 -15.88
CA GLU B 150 0.52 -9.05 -15.78
C GLU B 150 0.13 -7.61 -15.42
N GLU B 151 -0.78 -7.01 -16.20
CA GLU B 151 -1.10 -5.57 -16.12
C GLU B 151 -2.36 -5.31 -15.29
N GLN B 152 -2.48 -4.06 -14.78
CA GLN B 152 -3.57 -3.65 -13.87
C GLN B 152 -4.93 -3.73 -14.56
N ASP B 153 -5.98 -4.00 -13.77
CA ASP B 153 -7.37 -3.88 -14.23
C ASP B 153 -8.05 -2.78 -13.42
N GLY B 154 -7.92 -1.54 -13.89
CA GLY B 154 -8.33 -0.35 -13.13
C GLY B 154 -9.82 -0.06 -13.11
N PHE B 155 -10.14 1.23 -12.87
CA PHE B 155 -11.45 1.67 -12.36
C PHE B 155 -12.14 2.71 -13.25
N GLU B 165 -24.47 8.16 -14.33
CA GLU B 165 -23.41 7.20 -14.59
C GLU B 165 -22.42 7.21 -13.41
N GLU B 166 -21.83 8.38 -13.15
CA GLU B 166 -20.88 8.61 -12.05
C GLU B 166 -20.59 10.13 -11.94
N ILE B 167 -20.18 10.72 -13.09
CA ILE B 167 -20.13 12.18 -13.34
C ILE B 167 -21.38 12.92 -12.90
N ASP B 168 -22.53 12.52 -13.46
CA ASP B 168 -23.81 13.23 -13.25
C ASP B 168 -24.30 13.25 -11.77
N LYS B 169 -23.86 12.27 -10.98
CA LYS B 169 -24.24 12.14 -9.58
C LYS B 169 -23.52 13.16 -8.62
N ILE B 170 -22.35 13.67 -9.00
CA ILE B 170 -21.59 14.55 -8.09
C ILE B 170 -22.21 15.94 -8.08
N LYS B 171 -22.65 16.36 -6.90
CA LYS B 171 -23.38 17.58 -6.77
C LYS B 171 -22.42 18.77 -6.64
N SER B 172 -22.91 19.95 -6.96
CA SER B 172 -22.01 21.08 -7.15
C SER B 172 -21.35 21.57 -5.82
N GLU B 173 -22.01 21.42 -4.66
CA GLU B 173 -21.35 21.74 -3.35
C GLU B 173 -20.12 20.87 -3.02
N ALA B 174 -20.14 19.61 -3.46
CA ALA B 174 -19.00 18.72 -3.30
C ALA B 174 -17.82 19.24 -4.08
N LEU B 175 -18.08 19.63 -5.32
CA LEU B 175 -16.97 20.08 -6.20
C LEU B 175 -16.44 21.43 -5.73
N GLU B 176 -17.33 22.29 -5.21
CA GLU B 176 -16.96 23.55 -4.58
C GLU B 176 -16.09 23.37 -3.34
N GLU B 177 -16.48 22.45 -2.43
CA GLU B 177 -15.66 22.19 -1.28
C GLU B 177 -14.29 21.58 -1.70
N PHE B 178 -14.32 20.63 -2.65
CA PHE B 178 -13.11 20.07 -3.26
C PHE B 178 -12.14 21.16 -3.77
N ALA B 179 -12.64 22.11 -4.53
CA ALA B 179 -11.79 23.17 -5.05
C ALA B 179 -11.14 23.97 -3.92
N LYS B 180 -11.92 24.31 -2.90
CA LYS B 180 -11.41 25.08 -1.77
C LYS B 180 -10.38 24.33 -0.94
N ARG B 181 -10.64 23.04 -0.63
CA ARG B 181 -9.65 22.23 0.11
CA ARG B 181 -9.65 22.20 0.10
C ARG B 181 -8.36 21.97 -0.67
N ARG B 182 -8.49 21.65 -1.95
CA ARG B 182 -7.32 21.40 -2.81
C ARG B 182 -6.44 22.65 -2.93
N ASN B 183 -7.04 23.82 -3.11
CA ASN B 183 -6.26 25.00 -3.49
C ASN B 183 -5.80 25.81 -2.29
N ARG B 184 -6.19 25.42 -1.08
CA ARG B 184 -5.88 26.21 0.10
C ARG B 184 -6.19 27.71 -0.13
N VAL B 185 -7.37 27.97 -0.74
CA VAL B 185 -7.85 29.35 -1.08
C VAL B 185 -7.99 30.25 0.14
N ASN B 186 -8.49 29.65 1.24
CA ASN B 186 -8.70 30.34 2.52
C ASN B 186 -7.44 31.05 3.01
N LYS B 187 -7.53 32.36 3.21
CA LYS B 187 -6.49 33.12 3.91
C LYS B 187 -6.53 32.76 5.41
N ASN B 188 -5.69 31.79 5.80
CA ASN B 188 -5.47 31.41 7.22
C ASN B 188 -5.14 32.61 8.12
N ASP B 189 -5.72 32.61 9.34
CA ASP B 189 -5.45 33.69 10.33
C ASP B 189 -4.06 33.58 11.01
#